data_2OX8
#
_entry.id   2OX8
#
_cell.length_a   80.422
_cell.length_b   80.422
_cell.length_c   67.159
_cell.angle_alpha   90.00
_cell.angle_beta   90.00
_cell.angle_gamma   120.00
#
_symmetry.space_group_name_H-M   'P 32'
#
loop_
_entity.id
_entity.type
_entity.pdbx_description
1 polymer 'Scavenger receptor with C-type lectin type I'
2 non-polymer 'ZINC ION'
3 non-polymer 'CHLORIDE ION'
4 non-polymer 'CALCIUM ION'
5 water water
#
_entity_poly.entity_id   1
_entity_poly.type   'polypeptide(L)'
_entity_poly.pdbx_seq_one_letter_code
;EDNSCPPHWKNFTDKCYYFSVEKEIFEDAKLFCEDKSSHLVFINTREEQQWIKKQMVGRESHWIGLTDSERENEWKWLDG
TSPDYKNWKAGQPDNWGHGHGPGEDCAGLIYAGQWNDFQCEDVNNFICEKDRETVLSSAL
;
_entity_poly.pdbx_strand_id   A,B,C,D
#
loop_
_chem_comp.id
_chem_comp.type
_chem_comp.name
_chem_comp.formula
CA non-polymer 'CALCIUM ION' 'Ca 2'
CL non-polymer 'CHLORIDE ION' 'Cl -1'
ZN non-polymer 'ZINC ION' 'Zn 2'
#
# COMPACT_ATOMS: atom_id res chain seq x y z
N SER A 4 7.90 44.35 -23.80
CA SER A 4 9.13 43.72 -23.24
C SER A 4 9.02 43.49 -21.73
N CYS A 5 9.63 42.42 -21.25
CA CYS A 5 9.60 42.07 -19.83
C CYS A 5 10.83 42.46 -19.02
N PRO A 6 10.65 42.62 -17.70
CA PRO A 6 11.73 42.98 -16.77
C PRO A 6 12.71 41.82 -16.78
N PRO A 7 13.98 42.05 -16.36
CA PRO A 7 14.97 40.97 -16.35
C PRO A 7 14.52 39.83 -15.44
N HIS A 8 14.87 38.61 -15.84
CA HIS A 8 14.53 37.37 -15.14
C HIS A 8 13.07 36.95 -15.31
N TRP A 9 12.33 37.69 -16.12
CA TRP A 9 10.95 37.35 -16.40
C TRP A 9 10.96 36.84 -17.83
N LYS A 10 10.02 36.00 -18.17
CA LYS A 10 9.98 35.48 -19.53
C LYS A 10 8.71 35.90 -20.21
N ASN A 11 8.82 36.07 -21.51
CA ASN A 11 7.70 36.49 -22.32
C ASN A 11 7.15 35.38 -23.20
N PHE A 12 5.84 35.39 -23.32
CA PHE A 12 5.06 34.47 -24.15
C PHE A 12 3.77 35.22 -24.43
N THR A 13 3.50 35.46 -25.71
CA THR A 13 2.29 36.19 -26.10
C THR A 13 2.43 37.62 -25.58
N ASP A 14 1.55 38.07 -24.70
CA ASP A 14 1.63 39.45 -24.19
C ASP A 14 1.85 39.45 -22.68
N LYS A 15 2.35 38.33 -22.18
CA LYS A 15 2.54 38.19 -20.74
C LYS A 15 3.97 37.89 -20.30
N CYS A 16 4.30 38.46 -19.14
CA CYS A 16 5.59 38.28 -18.52
C CYS A 16 5.44 37.27 -17.40
N TYR A 17 6.27 36.24 -17.41
CA TYR A 17 6.23 35.19 -16.39
C TYR A 17 7.47 35.21 -15.50
N TYR A 18 7.28 34.86 -14.23
CA TYR A 18 8.40 34.78 -13.30
C TYR A 18 8.44 33.39 -12.66
N PHE A 19 9.53 32.68 -12.86
CA PHE A 19 9.68 31.38 -12.26
C PHE A 19 10.54 31.60 -11.04
N SER A 20 9.93 31.47 -9.88
CA SER A 20 10.61 31.72 -8.62
C SER A 20 11.80 30.83 -8.29
N VAL A 21 12.69 31.40 -7.49
CA VAL A 21 13.86 30.69 -7.02
C VAL A 21 13.52 30.24 -5.60
N GLU A 22 13.01 31.14 -4.77
CA GLU A 22 12.68 30.70 -3.42
C GLU A 22 11.34 30.00 -3.38
N LYS A 23 11.20 29.14 -2.36
CA LYS A 23 9.99 28.38 -2.14
C LYS A 23 9.26 29.01 -0.96
N GLU A 24 7.93 28.97 -0.97
CA GLU A 24 7.14 29.54 0.11
C GLU A 24 5.71 29.02 0.18
N ILE A 25 5.02 29.40 1.25
CA ILE A 25 3.63 29.00 1.46
C ILE A 25 2.77 29.60 0.35
N PHE A 26 1.70 28.90 -0.01
CA PHE A 26 0.86 29.40 -1.07
C PHE A 26 0.51 30.86 -0.85
N GLU A 27 0.04 31.20 0.34
CA GLU A 27 -0.34 32.58 0.60
C GLU A 27 0.84 33.55 0.52
N ASP A 28 2.05 33.09 0.80
CA ASP A 28 3.21 33.97 0.71
C ASP A 28 3.60 34.11 -0.75
N ALA A 29 3.42 33.05 -1.51
CA ALA A 29 3.72 33.09 -2.93
C ALA A 29 2.73 34.09 -3.51
N LYS A 30 1.47 33.93 -3.09
CA LYS A 30 0.36 34.77 -3.52
C LYS A 30 0.68 36.24 -3.32
N LEU A 31 1.23 36.57 -2.17
CA LEU A 31 1.56 37.95 -1.83
C LEU A 31 2.79 38.50 -2.54
N PHE A 32 3.70 37.62 -2.95
CA PHE A 32 4.92 38.04 -3.65
C PHE A 32 4.54 38.55 -5.03
N CYS A 33 3.76 37.76 -5.78
CA CYS A 33 3.34 38.18 -7.11
C CYS A 33 2.50 39.45 -7.03
N GLU A 34 1.64 39.50 -6.02
CA GLU A 34 0.77 40.64 -5.81
C GLU A 34 1.58 41.93 -5.76
N ASP A 35 2.62 41.94 -4.94
CA ASP A 35 3.41 43.15 -4.83
C ASP A 35 4.29 43.45 -6.06
N LYS A 36 4.40 42.50 -6.98
CA LYS A 36 5.16 42.73 -8.21
C LYS A 36 4.12 43.11 -9.26
N SER A 37 2.90 43.37 -8.82
CA SER A 37 1.81 43.73 -9.71
C SER A 37 1.39 42.59 -10.62
N SER A 38 1.46 41.37 -10.09
CA SER A 38 1.08 40.18 -10.81
C SER A 38 0.34 39.20 -9.89
N HIS A 39 0.18 37.96 -10.34
CA HIS A 39 -0.52 36.99 -9.55
C HIS A 39 -0.05 35.63 -9.97
N LEU A 40 -0.21 34.63 -9.10
CA LEU A 40 0.17 33.29 -9.43
C LEU A 40 -0.48 33.04 -10.81
N VAL A 41 0.32 32.43 -11.69
CA VAL A 41 -0.06 32.15 -13.07
C VAL A 41 -1.42 31.46 -13.29
N PHE A 42 -2.09 31.85 -14.37
CA PHE A 42 -3.38 31.26 -14.78
C PHE A 42 -3.00 30.57 -16.09
N ILE A 43 -3.44 29.33 -16.26
CA ILE A 43 -3.14 28.60 -17.49
C ILE A 43 -4.45 28.36 -18.23
N ASN A 44 -4.69 29.12 -19.29
CA ASN A 44 -5.94 29.01 -20.01
C ASN A 44 -5.98 28.41 -21.41
N THR A 45 -4.90 27.79 -21.86
CA THR A 45 -4.87 27.19 -23.17
C THR A 45 -3.77 26.17 -23.15
N ARG A 46 -3.88 25.16 -24.01
CA ARG A 46 -2.86 24.13 -24.07
C ARG A 46 -1.55 24.71 -24.53
N GLU A 47 -1.60 25.63 -25.49
CA GLU A 47 -0.39 26.26 -26.02
C GLU A 47 0.39 26.93 -24.90
N GLU A 48 -0.30 27.60 -23.99
CA GLU A 48 0.37 28.26 -22.88
C GLU A 48 0.96 27.15 -21.99
N GLN A 49 0.15 26.17 -21.66
CA GLN A 49 0.59 25.04 -20.83
C GLN A 49 1.83 24.36 -21.43
N GLN A 50 1.86 24.20 -22.74
CA GLN A 50 3.03 23.57 -23.37
C GLN A 50 4.28 24.46 -23.26
N TRP A 51 4.08 25.78 -23.27
CA TRP A 51 5.19 26.73 -23.18
C TRP A 51 5.75 26.76 -21.78
N ILE A 52 4.83 26.85 -20.81
CA ILE A 52 5.22 26.88 -19.41
C ILE A 52 6.10 25.70 -19.05
N LYS A 53 5.76 24.53 -19.58
CA LYS A 53 6.53 23.30 -19.35
C LYS A 53 7.93 23.40 -19.96
N LYS A 54 8.04 23.87 -21.19
CA LYS A 54 9.35 24.00 -21.86
C LYS A 54 10.28 24.83 -20.97
N GLN A 55 9.73 25.88 -20.35
CA GLN A 55 10.49 26.75 -19.45
C GLN A 55 11.00 26.08 -18.20
N MET A 56 10.31 25.05 -17.73
CA MET A 56 10.70 24.36 -16.51
C MET A 56 11.94 23.47 -16.67
N VAL A 57 13.09 24.00 -16.25
CA VAL A 57 14.34 23.24 -16.34
C VAL A 57 14.51 22.50 -15.03
N GLY A 58 14.36 23.22 -13.92
CA GLY A 58 14.46 22.58 -12.62
C GLY A 58 13.26 21.66 -12.48
N ARG A 59 13.41 20.59 -11.71
CA ARG A 59 12.32 19.64 -11.51
C ARG A 59 11.44 19.97 -10.31
N GLU A 60 11.60 21.16 -9.77
CA GLU A 60 10.80 21.60 -8.64
C GLU A 60 9.34 21.81 -9.04
N SER A 61 8.44 21.54 -8.11
CA SER A 61 7.01 21.71 -8.34
C SER A 61 6.73 23.23 -8.15
N HIS A 62 5.80 23.79 -8.92
CA HIS A 62 5.47 25.22 -8.82
C HIS A 62 4.00 25.49 -8.55
N TRP A 63 3.69 26.46 -7.68
CA TRP A 63 2.29 26.82 -7.39
C TRP A 63 1.69 27.54 -8.59
N ILE A 64 0.39 27.34 -8.82
CA ILE A 64 -0.30 28.05 -9.89
C ILE A 64 -1.50 28.77 -9.22
N GLY A 65 -2.06 29.78 -9.86
CA GLY A 65 -3.16 30.51 -9.24
C GLY A 65 -4.52 29.82 -9.30
N LEU A 66 -4.59 28.63 -8.71
CA LEU A 66 -5.79 27.83 -8.74
C LEU A 66 -6.05 27.33 -7.33
N THR A 67 -7.30 27.48 -6.90
CA THR A 67 -7.69 27.09 -5.57
C THR A 67 -9.17 26.71 -5.50
N ASP A 68 -9.57 26.02 -4.44
CA ASP A 68 -10.97 25.65 -4.25
C ASP A 68 -11.44 26.13 -2.88
N SER A 69 -10.57 26.86 -2.19
CA SER A 69 -10.83 27.41 -0.87
C SER A 69 -12.09 28.27 -0.71
N GLU A 70 -12.50 28.98 -1.75
CA GLU A 70 -13.72 29.80 -1.63
C GLU A 70 -14.89 28.84 -1.38
N ARG A 71 -15.03 27.85 -2.25
CA ARG A 71 -16.09 26.85 -2.17
C ARG A 71 -15.50 25.49 -2.54
N GLU A 72 -15.39 24.61 -1.55
CA GLU A 72 -14.84 23.27 -1.76
C GLU A 72 -15.27 22.60 -3.07
N ASN A 73 -14.29 22.01 -3.77
CA ASN A 73 -14.49 21.31 -5.03
C ASN A 73 -14.87 22.20 -6.22
N GLU A 74 -14.95 23.50 -5.98
CA GLU A 74 -15.29 24.46 -7.04
C GLU A 74 -14.00 25.22 -7.36
N TRP A 75 -13.10 24.56 -8.09
CA TRP A 75 -11.80 25.11 -8.43
C TRP A 75 -11.87 26.30 -9.36
N LYS A 76 -11.18 27.37 -8.97
CA LYS A 76 -11.15 28.61 -9.73
C LYS A 76 -9.79 29.29 -9.72
N TRP A 77 -9.54 30.07 -10.76
CA TRP A 77 -8.31 30.82 -10.87
C TRP A 77 -8.54 32.03 -9.95
N LEU A 78 -7.47 32.59 -9.39
CA LEU A 78 -7.62 33.73 -8.47
C LEU A 78 -8.48 34.90 -8.99
N ASP A 79 -8.87 34.87 -10.26
CA ASP A 79 -9.69 35.93 -10.83
C ASP A 79 -11.18 35.54 -10.80
N GLY A 80 -11.50 34.46 -10.09
CA GLY A 80 -12.88 33.99 -10.02
C GLY A 80 -13.22 32.91 -11.06
N THR A 81 -12.80 33.11 -12.30
CA THR A 81 -13.06 32.17 -13.39
C THR A 81 -12.81 30.69 -13.08
N SER A 82 -13.55 29.81 -13.77
CA SER A 82 -13.43 28.35 -13.60
C SER A 82 -12.60 27.93 -14.79
N PRO A 83 -11.64 27.02 -14.59
CA PRO A 83 -10.84 26.65 -15.76
C PRO A 83 -11.51 25.81 -16.83
N ASP A 84 -11.62 26.37 -18.03
CA ASP A 84 -12.15 25.58 -19.12
C ASP A 84 -10.99 24.58 -19.27
N TYR A 85 -9.96 24.95 -20.04
CA TYR A 85 -8.78 24.11 -20.23
C TYR A 85 -8.37 23.45 -18.91
N LYS A 86 -8.01 22.18 -18.96
CA LYS A 86 -7.63 21.46 -17.76
C LYS A 86 -6.48 20.50 -17.98
N ASN A 87 -5.52 20.50 -17.05
CA ASN A 87 -4.37 19.61 -17.16
C ASN A 87 -4.11 18.89 -15.83
N TRP A 88 -5.17 18.36 -15.24
CA TRP A 88 -5.05 17.66 -13.98
C TRP A 88 -4.39 16.28 -14.05
N LYS A 89 -3.62 15.95 -13.03
CA LYS A 89 -2.96 14.67 -12.96
C LYS A 89 -4.07 13.60 -12.88
N ALA A 90 -3.67 12.33 -13.00
CA ALA A 90 -4.55 11.17 -12.97
C ALA A 90 -5.84 11.19 -12.14
N GLY A 91 -5.74 11.33 -10.83
CA GLY A 91 -6.96 11.32 -10.03
C GLY A 91 -7.30 12.63 -9.36
N GLN A 92 -6.89 13.73 -9.98
CA GLN A 92 -7.10 15.07 -9.45
C GLN A 92 -8.21 15.85 -10.15
N PRO A 93 -8.83 16.81 -9.46
CA PRO A 93 -8.52 17.18 -8.07
C PRO A 93 -9.43 16.51 -7.07
N ASP A 94 -10.35 15.67 -7.55
CA ASP A 94 -11.28 14.97 -6.67
C ASP A 94 -10.64 13.84 -5.86
N ASN A 95 -9.39 13.52 -6.16
CA ASN A 95 -8.68 12.45 -5.44
C ASN A 95 -9.36 11.08 -5.58
N TRP A 96 -9.55 10.67 -6.83
CA TRP A 96 -10.18 9.40 -7.18
C TRP A 96 -11.56 9.26 -6.51
N GLY A 97 -12.26 10.39 -6.40
CA GLY A 97 -13.59 10.40 -5.82
C GLY A 97 -13.74 10.44 -4.31
N HIS A 98 -12.64 10.40 -3.58
CA HIS A 98 -12.72 10.43 -2.12
C HIS A 98 -12.67 11.88 -1.62
N GLY A 99 -12.55 12.82 -2.55
CA GLY A 99 -12.44 14.22 -2.19
C GLY A 99 -11.10 14.44 -1.51
N HIS A 100 -10.35 15.45 -1.93
CA HIS A 100 -9.06 15.68 -1.28
C HIS A 100 -9.31 16.04 0.18
N GLY A 101 -8.25 16.02 0.99
CA GLY A 101 -8.42 16.31 2.39
C GLY A 101 -8.29 17.79 2.70
N PRO A 102 -8.50 18.18 3.96
CA PRO A 102 -8.40 19.57 4.39
C PRO A 102 -7.00 20.12 4.15
N GLY A 103 -6.92 21.41 3.84
CA GLY A 103 -5.63 22.03 3.60
C GLY A 103 -5.15 21.94 2.16
N GLU A 104 -5.37 20.78 1.52
CA GLU A 104 -4.93 20.60 0.14
C GLU A 104 -5.91 21.29 -0.80
N ASP A 105 -5.97 22.61 -0.70
CA ASP A 105 -6.89 23.38 -1.52
C ASP A 105 -6.13 24.34 -2.44
N CYS A 106 -4.84 24.08 -2.61
CA CYS A 106 -3.97 24.92 -3.45
C CYS A 106 -3.26 24.07 -4.51
N ALA A 107 -3.49 24.38 -5.78
CA ALA A 107 -2.87 23.63 -6.86
C ALA A 107 -1.46 24.08 -7.25
N GLY A 108 -0.71 23.16 -7.86
CA GLY A 108 0.63 23.43 -8.29
C GLY A 108 0.92 22.55 -9.50
N LEU A 109 1.82 23.02 -10.35
CA LEU A 109 2.21 22.33 -11.56
C LEU A 109 3.41 21.47 -11.19
N ILE A 110 3.50 20.28 -11.75
CA ILE A 110 4.64 19.42 -11.46
C ILE A 110 5.45 19.19 -12.71
N TYR A 111 6.70 18.77 -12.56
CA TYR A 111 7.52 18.50 -13.73
C TYR A 111 6.72 17.45 -14.48
N ALA A 112 6.57 17.64 -15.78
CA ALA A 112 5.79 16.75 -16.65
C ALA A 112 4.59 17.57 -17.13
N GLY A 113 4.28 18.63 -16.38
CA GLY A 113 3.21 19.51 -16.77
C GLY A 113 1.86 19.47 -16.09
N GLN A 114 1.41 18.31 -15.61
CA GLN A 114 0.10 18.23 -14.98
C GLN A 114 -0.05 18.90 -13.64
N TRP A 115 -1.29 19.25 -13.33
CA TRP A 115 -1.63 19.92 -12.07
C TRP A 115 -2.01 18.92 -11.01
N ASN A 116 -1.54 19.19 -9.80
CA ASN A 116 -1.78 18.34 -8.65
C ASN A 116 -2.27 19.31 -7.59
N ASP A 117 -3.08 18.84 -6.66
CA ASP A 117 -3.53 19.74 -5.63
C ASP A 117 -2.81 19.38 -4.35
N PHE A 118 -1.84 20.21 -3.98
CA PHE A 118 -1.05 20.00 -2.78
C PHE A 118 -1.77 20.71 -1.65
N GLN A 119 -1.18 20.66 -0.47
CA GLN A 119 -1.74 21.38 0.65
C GLN A 119 -1.00 22.71 0.74
N CYS A 120 -1.74 23.77 1.00
CA CYS A 120 -1.13 25.07 1.11
C CYS A 120 -0.21 24.97 2.32
N GLU A 121 0.45 26.05 2.71
CA GLU A 121 1.36 26.00 3.85
C GLU A 121 2.55 25.07 3.56
N ASP A 122 2.40 24.25 2.52
CA ASP A 122 3.49 23.39 2.09
C ASP A 122 4.35 24.37 1.29
N VAL A 123 5.65 24.18 1.29
CA VAL A 123 6.52 25.09 0.56
C VAL A 123 6.84 24.61 -0.85
N ASN A 124 6.76 25.51 -1.82
CA ASN A 124 7.06 25.19 -3.20
C ASN A 124 7.51 26.45 -3.92
N ASN A 125 8.02 26.25 -5.12
CA ASN A 125 8.45 27.34 -5.97
C ASN A 125 7.15 27.79 -6.60
N PHE A 126 7.14 28.96 -7.22
CA PHE A 126 5.92 29.47 -7.81
C PHE A 126 6.15 30.29 -9.06
N ILE A 127 5.09 30.43 -9.86
CA ILE A 127 5.14 31.18 -11.09
C ILE A 127 4.25 32.41 -11.02
N CYS A 128 4.82 33.58 -11.31
CA CYS A 128 4.06 34.81 -11.30
C CYS A 128 3.78 35.20 -12.75
N GLU A 129 2.66 35.86 -12.97
CA GLU A 129 2.26 36.23 -14.30
C GLU A 129 1.58 37.61 -14.30
N LYS A 130 1.73 38.33 -15.40
CA LYS A 130 1.08 39.63 -15.56
C LYS A 130 1.02 39.96 -17.05
N ASP A 131 -0.13 40.45 -17.50
CA ASP A 131 -0.36 40.80 -18.89
C ASP A 131 -0.02 42.28 -19.11
N ARG A 132 0.88 42.55 -20.05
CA ARG A 132 1.26 43.94 -20.34
C ARG A 132 0.08 44.74 -20.83
N SER B 4 3.40 4.10 -3.31
CA SER B 4 3.09 4.02 -1.85
C SER B 4 2.65 2.60 -1.45
N CYS B 5 2.87 1.63 -2.32
CA CYS B 5 2.49 0.27 -2.02
C CYS B 5 3.65 -0.52 -1.42
N PRO B 6 3.35 -1.51 -0.56
CA PRO B 6 4.36 -2.36 0.08
C PRO B 6 5.07 -3.20 -0.98
N PRO B 7 6.26 -3.70 -0.67
CA PRO B 7 6.98 -4.52 -1.65
C PRO B 7 6.21 -5.74 -2.14
N HIS B 8 6.20 -5.93 -3.45
CA HIS B 8 5.52 -7.06 -4.09
C HIS B 8 4.01 -6.86 -4.31
N TRP B 9 3.53 -5.66 -3.99
CA TRP B 9 2.13 -5.31 -4.24
C TRP B 9 2.22 -4.38 -5.46
N LYS B 10 1.22 -4.38 -6.33
CA LYS B 10 1.28 -3.52 -7.51
C LYS B 10 0.33 -2.30 -7.46
N ASN B 11 0.72 -1.25 -8.17
CA ASN B 11 -0.07 -0.03 -8.15
C ASN B 11 -0.92 0.26 -9.39
N PHE B 12 -2.08 0.84 -9.14
CA PHE B 12 -3.00 1.23 -10.19
C PHE B 12 -3.99 2.16 -9.53
N THR B 13 -4.08 3.39 -10.05
CA THR B 13 -4.98 4.40 -9.51
C THR B 13 -4.56 4.68 -8.08
N ASP B 14 -5.36 4.32 -7.07
CA ASP B 14 -4.99 4.60 -5.70
C ASP B 14 -5.06 3.33 -4.90
N LYS B 15 -4.86 2.21 -5.57
CA LYS B 15 -4.93 0.92 -4.92
C LYS B 15 -3.66 0.09 -5.04
N CYS B 16 -3.53 -0.87 -4.12
CA CYS B 16 -2.42 -1.80 -4.13
C CYS B 16 -3.04 -3.16 -4.37
N TYR B 17 -2.46 -3.93 -5.28
CA TYR B 17 -2.95 -5.27 -5.59
C TYR B 17 -1.87 -6.30 -5.32
N TYR B 18 -2.27 -7.41 -4.70
CA TYR B 18 -1.31 -8.47 -4.44
C TYR B 18 -1.69 -9.70 -5.27
N PHE B 19 -0.79 -10.16 -6.11
CA PHE B 19 -1.04 -11.33 -6.94
C PHE B 19 -0.35 -12.50 -6.31
N SER B 20 -1.14 -13.27 -5.55
CA SER B 20 -0.66 -14.40 -4.79
C SER B 20 0.20 -15.43 -5.53
N VAL B 21 1.08 -16.06 -4.76
CA VAL B 21 1.94 -17.10 -5.30
C VAL B 21 1.30 -18.43 -4.88
N GLU B 22 0.86 -18.55 -3.63
CA GLU B 22 0.24 -19.81 -3.24
C GLU B 22 -1.23 -19.92 -3.61
N LYS B 23 -1.72 -21.15 -3.61
CA LYS B 23 -3.10 -21.46 -3.94
C LYS B 23 -3.86 -21.75 -2.63
N GLU B 24 -5.12 -21.34 -2.58
CA GLU B 24 -5.94 -21.55 -1.38
C GLU B 24 -7.41 -21.69 -1.74
N ILE B 25 -8.19 -22.15 -0.78
CA ILE B 25 -9.63 -22.31 -0.93
C ILE B 25 -10.23 -20.92 -0.85
N PHE B 26 -11.33 -20.68 -1.54
CA PHE B 26 -11.89 -19.33 -1.51
C PHE B 26 -11.81 -18.70 -0.13
N GLU B 27 -12.37 -19.36 0.87
CA GLU B 27 -12.37 -18.84 2.24
C GLU B 27 -10.97 -18.60 2.78
N ASP B 28 -10.02 -19.45 2.37
CA ASP B 28 -8.63 -19.34 2.79
C ASP B 28 -8.09 -18.02 2.23
N ALA B 29 -8.44 -17.78 0.98
CA ALA B 29 -8.00 -16.58 0.30
C ALA B 29 -8.67 -15.37 0.92
N LYS B 30 -9.97 -15.45 1.15
CA LYS B 30 -10.74 -14.36 1.74
C LYS B 30 -10.06 -13.90 3.02
N LEU B 31 -9.62 -14.87 3.82
CA LEU B 31 -8.96 -14.61 5.08
C LEU B 31 -7.52 -14.11 4.93
N PHE B 32 -6.80 -14.59 3.93
CA PHE B 32 -5.43 -14.14 3.69
C PHE B 32 -5.40 -12.63 3.46
N CYS B 33 -6.24 -12.15 2.55
CA CYS B 33 -6.32 -10.72 2.23
C CYS B 33 -6.82 -9.85 3.39
N GLU B 34 -7.79 -10.36 4.15
CA GLU B 34 -8.33 -9.59 5.26
C GLU B 34 -7.26 -9.31 6.31
N ASP B 35 -6.31 -10.23 6.42
CA ASP B 35 -5.25 -10.04 7.39
C ASP B 35 -4.24 -8.96 6.95
N LYS B 36 -4.24 -8.62 5.67
CA LYS B 36 -3.32 -7.60 5.17
C LYS B 36 -4.10 -6.31 5.06
N SER B 37 -5.24 -6.28 5.73
CA SER B 37 -6.15 -5.13 5.69
C SER B 37 -6.64 -4.90 4.26
N SER B 38 -6.83 -5.99 3.53
CA SER B 38 -7.30 -5.90 2.17
C SER B 38 -8.44 -6.91 1.94
N HIS B 39 -8.88 -7.01 0.69
CA HIS B 39 -9.94 -7.94 0.36
C HIS B 39 -9.69 -8.48 -1.02
N LEU B 40 -10.23 -9.68 -1.30
CA LEU B 40 -10.08 -10.22 -2.64
C LEU B 40 -10.56 -9.07 -3.54
N VAL B 41 -9.88 -8.89 -4.66
CA VAL B 41 -10.15 -7.82 -5.60
C VAL B 41 -11.57 -7.60 -6.15
N PHE B 42 -11.95 -6.33 -6.27
CA PHE B 42 -13.24 -5.93 -6.84
C PHE B 42 -12.83 -5.30 -8.18
N ILE B 43 -13.60 -5.60 -9.23
CA ILE B 43 -13.30 -5.03 -10.55
C ILE B 43 -14.50 -4.21 -10.98
N ASN B 44 -14.40 -2.89 -10.82
CA ASN B 44 -15.51 -2.03 -11.18
C ASN B 44 -15.45 -1.21 -12.46
N THR B 45 -14.43 -1.43 -13.28
CA THR B 45 -14.32 -0.72 -14.53
C THR B 45 -13.53 -1.54 -15.51
N ARG B 46 -13.67 -1.19 -16.79
CA ARG B 46 -12.99 -1.86 -17.88
C ARG B 46 -11.50 -1.55 -17.83
N GLU B 47 -11.16 -0.32 -17.47
CA GLU B 47 -9.76 0.09 -17.39
C GLU B 47 -9.05 -0.76 -16.36
N GLU B 48 -9.76 -1.05 -15.26
CA GLU B 48 -9.20 -1.85 -14.19
C GLU B 48 -9.09 -3.29 -14.65
N GLN B 49 -10.11 -3.77 -15.34
CA GLN B 49 -10.09 -5.13 -15.85
C GLN B 49 -8.93 -5.26 -16.82
N GLN B 50 -8.76 -4.27 -17.69
CA GLN B 50 -7.66 -4.26 -18.66
C GLN B 50 -6.29 -4.28 -17.97
N TRP B 51 -6.11 -3.40 -16.98
CA TRP B 51 -4.85 -3.34 -16.24
C TRP B 51 -4.55 -4.66 -15.54
N ILE B 52 -5.55 -5.21 -14.86
CA ILE B 52 -5.37 -6.45 -14.13
C ILE B 52 -4.88 -7.58 -15.00
N LYS B 53 -5.48 -7.73 -16.18
CA LYS B 53 -5.11 -8.79 -17.10
C LYS B 53 -3.68 -8.64 -17.64
N LYS B 54 -3.19 -7.41 -17.74
CA LYS B 54 -1.83 -7.17 -18.20
C LYS B 54 -0.84 -7.59 -17.13
N GLN B 55 -1.26 -7.56 -15.87
CA GLN B 55 -0.37 -7.96 -14.76
C GLN B 55 -0.29 -9.48 -14.65
N MET B 56 -1.14 -10.19 -15.37
CA MET B 56 -1.13 -11.64 -15.27
C MET B 56 -0.14 -12.33 -16.20
N VAL B 57 1.10 -12.47 -15.74
CA VAL B 57 2.11 -13.15 -16.54
C VAL B 57 1.75 -14.64 -16.58
N GLY B 58 1.57 -15.22 -15.39
CA GLY B 58 1.20 -16.62 -15.30
C GLY B 58 -0.20 -16.87 -15.84
N ARG B 59 -0.43 -18.08 -16.37
CA ARG B 59 -1.71 -18.48 -16.92
C ARG B 59 -2.65 -19.10 -15.88
N GLU B 60 -2.36 -18.86 -14.60
CA GLU B 60 -3.17 -19.39 -13.51
C GLU B 60 -4.35 -18.47 -13.23
N SER B 61 -5.48 -19.05 -12.85
CA SER B 61 -6.66 -18.23 -12.56
C SER B 61 -6.62 -17.78 -11.09
N HIS B 62 -7.10 -16.57 -10.83
CA HIS B 62 -7.10 -16.00 -9.49
C HIS B 62 -8.51 -15.69 -9.01
N TRP B 63 -8.82 -16.09 -7.77
CA TRP B 63 -10.13 -15.79 -7.18
C TRP B 63 -10.26 -14.27 -7.14
N ILE B 64 -11.50 -13.77 -7.21
CA ILE B 64 -11.76 -12.35 -7.09
C ILE B 64 -12.84 -12.24 -6.01
N GLY B 65 -13.16 -11.03 -5.54
CA GLY B 65 -14.15 -10.91 -4.47
C GLY B 65 -15.62 -10.92 -4.87
N LEU B 66 -16.01 -11.89 -5.69
CA LEU B 66 -17.39 -11.96 -6.16
C LEU B 66 -17.98 -13.31 -5.81
N THR B 67 -19.16 -13.27 -5.17
CA THR B 67 -19.86 -14.46 -4.73
C THR B 67 -21.40 -14.31 -4.75
N ASP B 68 -22.11 -15.43 -4.61
CA ASP B 68 -23.57 -15.44 -4.57
C ASP B 68 -24.01 -16.37 -3.45
N SER B 69 -23.08 -16.64 -2.54
CA SER B 69 -23.32 -17.54 -1.41
C SER B 69 -24.33 -17.04 -0.39
N GLU B 70 -24.56 -15.74 -0.32
CA GLU B 70 -25.51 -15.18 0.64
C GLU B 70 -26.91 -15.30 0.06
N ARG B 71 -27.15 -14.59 -1.05
CA ARG B 71 -28.44 -14.61 -1.73
C ARG B 71 -28.21 -15.35 -3.06
N GLU B 72 -28.14 -16.68 -3.01
CA GLU B 72 -27.91 -17.49 -4.20
C GLU B 72 -28.52 -16.90 -5.47
N ASN B 73 -27.81 -17.07 -6.59
CA ASN B 73 -28.26 -16.57 -7.89
C ASN B 73 -27.95 -15.08 -8.04
N GLU B 74 -27.69 -14.41 -6.92
CA GLU B 74 -27.36 -12.98 -6.94
C GLU B 74 -25.90 -12.75 -6.55
N TRP B 75 -25.09 -12.35 -7.53
CA TRP B 75 -23.68 -12.13 -7.29
C TRP B 75 -23.39 -10.71 -6.86
N LYS B 76 -22.50 -10.58 -5.89
CA LYS B 76 -22.10 -9.28 -5.37
C LYS B 76 -20.65 -9.30 -4.97
N TRP B 77 -20.05 -8.12 -4.94
CA TRP B 77 -18.66 -7.98 -4.50
C TRP B 77 -18.74 -8.15 -2.98
N LEU B 78 -17.64 -8.53 -2.34
CA LEU B 78 -17.63 -8.74 -0.88
C LEU B 78 -18.15 -7.56 -0.02
N ASP B 79 -18.27 -6.39 -0.64
CA ASP B 79 -18.78 -5.20 0.04
C ASP B 79 -20.32 -5.14 -0.05
N GLY B 80 -20.95 -6.13 -0.70
CA GLY B 80 -22.40 -6.15 -0.84
C GLY B 80 -22.90 -5.57 -2.16
N THR B 81 -22.05 -4.82 -2.83
CA THR B 81 -22.42 -4.22 -4.09
C THR B 81 -22.57 -5.23 -5.21
N SER B 82 -23.51 -4.95 -6.12
CA SER B 82 -23.76 -5.81 -7.27
C SER B 82 -22.99 -5.14 -8.38
N PRO B 83 -22.22 -5.91 -9.15
CA PRO B 83 -21.44 -5.34 -10.25
C PRO B 83 -22.21 -4.69 -11.40
N ASP B 84 -21.81 -3.46 -11.73
CA ASP B 84 -22.43 -2.74 -12.85
C ASP B 84 -21.63 -3.23 -14.05
N TYR B 85 -20.31 -3.13 -13.95
CA TYR B 85 -19.41 -3.60 -15.01
C TYR B 85 -19.30 -5.12 -14.88
N LYS B 86 -19.43 -5.84 -15.98
CA LYS B 86 -19.32 -7.28 -15.92
C LYS B 86 -18.40 -7.77 -17.01
N ASN B 87 -17.84 -8.96 -16.83
CA ASN B 87 -16.92 -9.56 -17.81
C ASN B 87 -16.93 -11.06 -17.64
N TRP B 88 -18.13 -11.63 -17.65
CA TRP B 88 -18.30 -13.07 -17.49
C TRP B 88 -17.94 -13.89 -18.72
N LYS B 89 -17.55 -15.14 -18.46
CA LYS B 89 -17.22 -16.05 -19.56
C LYS B 89 -18.55 -16.41 -20.21
N ALA B 90 -18.49 -17.21 -21.26
CA ALA B 90 -19.66 -17.66 -22.02
C ALA B 90 -20.99 -17.70 -21.26
N GLY B 91 -21.46 -18.91 -20.94
CA GLY B 91 -22.72 -19.00 -20.22
C GLY B 91 -22.62 -18.78 -18.73
N GLN B 92 -21.84 -17.76 -18.33
CA GLN B 92 -21.65 -17.45 -16.91
C GLN B 92 -22.44 -16.24 -16.42
N PRO B 93 -22.87 -16.25 -15.14
CA PRO B 93 -22.65 -17.35 -14.19
C PRO B 93 -23.86 -18.25 -14.10
N ASP B 94 -24.92 -17.91 -14.84
CA ASP B 94 -26.15 -18.68 -14.84
C ASP B 94 -25.99 -20.06 -15.47
N ASN B 95 -24.78 -20.38 -15.92
CA ASN B 95 -24.46 -21.67 -16.54
C ASN B 95 -25.40 -22.07 -17.70
N TRP B 96 -25.47 -21.25 -18.74
CA TRP B 96 -26.34 -21.54 -19.87
C TRP B 96 -27.76 -21.82 -19.36
N GLY B 97 -28.26 -20.92 -18.52
CA GLY B 97 -29.59 -21.05 -17.95
C GLY B 97 -29.86 -22.28 -17.08
N HIS B 98 -28.88 -23.18 -16.95
CA HIS B 98 -29.08 -24.37 -16.13
C HIS B 98 -28.84 -24.11 -14.65
N GLY B 99 -28.35 -22.92 -14.32
CA GLY B 99 -28.03 -22.61 -12.93
C GLY B 99 -26.82 -23.43 -12.53
N HIS B 100 -25.82 -22.82 -11.91
CA HIS B 100 -24.62 -23.57 -11.54
C HIS B 100 -24.85 -24.61 -10.45
N GLY B 101 -23.85 -25.44 -10.22
CA GLY B 101 -23.98 -26.50 -9.22
C GLY B 101 -23.57 -26.08 -7.82
N PRO B 102 -23.99 -26.84 -6.80
CA PRO B 102 -23.66 -26.55 -5.40
C PRO B 102 -22.16 -26.38 -5.18
N GLY B 103 -21.78 -25.29 -4.51
CA GLY B 103 -20.37 -25.05 -4.28
C GLY B 103 -19.76 -24.08 -5.30
N GLU B 104 -20.31 -24.06 -6.52
CA GLU B 104 -19.82 -23.15 -7.55
C GLU B 104 -20.35 -21.76 -7.25
N ASP B 105 -20.05 -21.25 -6.06
CA ASP B 105 -20.56 -19.94 -5.67
C ASP B 105 -19.48 -18.87 -5.53
N CYS B 106 -18.27 -19.20 -5.98
CA CYS B 106 -17.13 -18.28 -5.90
C CYS B 106 -16.49 -18.12 -7.28
N ALA B 107 -16.47 -16.89 -7.80
CA ALA B 107 -15.88 -16.66 -9.12
C ALA B 107 -14.37 -16.43 -9.07
N GLY B 108 -13.77 -16.47 -10.25
CA GLY B 108 -12.33 -16.25 -10.37
C GLY B 108 -12.06 -15.65 -11.73
N LEU B 109 -10.87 -15.06 -11.86
CA LEU B 109 -10.43 -14.45 -13.11
C LEU B 109 -9.71 -15.57 -13.86
N ILE B 110 -10.18 -15.86 -15.08
CA ILE B 110 -9.58 -16.89 -15.91
C ILE B 110 -8.43 -16.26 -16.73
N TYR B 111 -7.48 -17.06 -17.22
CA TYR B 111 -6.42 -16.43 -18.01
C TYR B 111 -7.15 -16.02 -19.28
N ALA B 112 -6.94 -14.77 -19.69
CA ALA B 112 -7.60 -14.17 -20.86
C ALA B 112 -8.46 -13.08 -20.24
N GLY B 113 -8.71 -13.21 -18.94
CA GLY B 113 -9.46 -12.20 -18.22
C GLY B 113 -10.90 -12.42 -17.86
N GLN B 114 -11.61 -13.24 -18.61
CA GLN B 114 -13.04 -13.51 -18.37
C GLN B 114 -13.27 -14.09 -16.98
N TRP B 115 -14.46 -13.82 -16.42
CA TRP B 115 -14.81 -14.33 -15.10
C TRP B 115 -15.58 -15.62 -15.21
N ASN B 116 -15.31 -16.52 -14.29
CA ASN B 116 -15.97 -17.81 -14.28
C ASN B 116 -16.29 -18.12 -12.82
N ASP B 117 -17.35 -18.89 -12.57
CA ASP B 117 -17.69 -19.22 -11.19
C ASP B 117 -17.24 -20.64 -10.92
N PHE B 118 -16.26 -20.80 -10.05
CA PHE B 118 -15.73 -22.09 -9.70
C PHE B 118 -16.37 -22.53 -8.40
N GLN B 119 -16.11 -23.78 -8.00
CA GLN B 119 -16.63 -24.24 -6.74
C GLN B 119 -15.62 -23.79 -5.71
N CYS B 120 -16.08 -23.16 -4.64
CA CYS B 120 -15.16 -22.73 -3.60
C CYS B 120 -14.54 -24.04 -3.14
N GLU B 121 -13.68 -24.03 -2.13
CA GLU B 121 -13.07 -25.30 -1.70
C GLU B 121 -12.08 -25.75 -2.77
N ASP B 122 -12.25 -25.28 -4.01
CA ASP B 122 -11.31 -25.60 -5.07
C ASP B 122 -10.12 -24.70 -4.77
N VAL B 123 -8.93 -25.07 -5.20
CA VAL B 123 -7.77 -24.24 -4.90
C VAL B 123 -7.30 -23.41 -6.11
N ASN B 124 -7.10 -22.12 -5.89
CA ASN B 124 -6.62 -21.22 -6.94
C ASN B 124 -5.75 -20.12 -6.36
N ASN B 125 -5.11 -19.37 -7.25
CA ASN B 125 -4.28 -18.26 -6.87
C ASN B 125 -5.34 -17.19 -6.67
N PHE B 126 -4.99 -16.08 -6.05
CA PHE B 126 -5.98 -15.05 -5.80
C PHE B 126 -5.40 -13.66 -5.85
N ILE B 127 -6.26 -12.65 -5.81
CA ILE B 127 -5.78 -11.30 -5.88
C ILE B 127 -6.33 -10.48 -4.74
N CYS B 128 -5.42 -9.91 -3.95
CA CYS B 128 -5.83 -9.06 -2.85
C CYS B 128 -5.76 -7.60 -3.33
N GLU B 129 -6.59 -6.76 -2.72
CA GLU B 129 -6.67 -5.35 -3.09
C GLU B 129 -6.97 -4.48 -1.87
N LYS B 130 -6.51 -3.25 -1.92
CA LYS B 130 -6.79 -2.30 -0.84
C LYS B 130 -6.59 -0.87 -1.35
N ASP B 131 -7.56 -0.01 -1.08
CA ASP B 131 -7.54 1.40 -1.50
C ASP B 131 -6.70 2.14 -0.48
N ARG B 132 -5.68 2.85 -0.95
CA ARG B 132 -4.80 3.58 -0.04
C ARG B 132 -5.48 4.79 0.62
N SER C 4 7.03 21.05 37.53
CA SER C 4 6.57 22.44 37.74
C SER C 4 7.40 23.42 36.91
N CYS C 5 6.77 23.99 35.88
CA CYS C 5 7.42 24.95 34.99
C CYS C 5 6.67 26.28 35.01
N PRO C 6 7.33 27.36 34.57
CA PRO C 6 6.68 28.68 34.55
C PRO C 6 5.39 28.57 33.73
N PRO C 7 4.34 29.31 34.13
CA PRO C 7 3.09 29.23 33.37
C PRO C 7 3.33 29.40 31.87
N HIS C 8 2.68 28.56 31.08
CA HIS C 8 2.81 28.57 29.63
C HIS C 8 4.15 27.97 29.22
N TRP C 9 4.54 26.94 29.96
CA TRP C 9 5.78 26.19 29.68
C TRP C 9 5.50 24.71 29.89
N LYS C 10 6.09 23.87 29.04
CA LYS C 10 5.83 22.44 29.14
C LYS C 10 6.82 21.67 30.00
N ASN C 11 6.29 20.69 30.70
CA ASN C 11 7.08 19.84 31.58
C ASN C 11 7.46 18.55 30.88
N PHE C 12 8.75 18.26 30.88
CA PHE C 12 9.24 17.04 30.27
C PHE C 12 10.65 16.82 30.79
N THR C 13 10.75 16.03 31.86
CA THR C 13 12.03 15.73 32.50
C THR C 13 12.48 16.95 33.29
N ASP C 14 13.77 17.21 33.28
CA ASP C 14 14.35 18.35 33.99
C ASP C 14 14.39 19.56 33.08
N LYS C 15 13.52 19.57 32.07
CA LYS C 15 13.48 20.67 31.13
C LYS C 15 12.09 21.27 31.00
N CYS C 16 12.04 22.53 30.60
CA CYS C 16 10.79 23.25 30.40
C CYS C 16 10.84 23.84 29.00
N TYR C 17 9.77 23.65 28.24
CA TYR C 17 9.72 24.16 26.88
C TYR C 17 8.68 25.27 26.73
N TYR C 18 8.83 26.07 25.70
CA TYR C 18 7.92 27.15 25.42
C TYR C 18 7.66 27.23 23.93
N PHE C 19 6.42 26.97 23.54
CA PHE C 19 6.03 27.02 22.13
C PHE C 19 5.41 28.38 21.90
N SER C 20 6.18 29.26 21.26
CA SER C 20 5.74 30.63 21.00
C SER C 20 4.35 30.77 20.37
N VAL C 21 3.99 32.02 20.12
CA VAL C 21 2.71 32.37 19.53
C VAL C 21 2.98 33.24 18.32
N GLU C 22 3.82 34.26 18.50
CA GLU C 22 4.17 35.15 17.41
C GLU C 22 5.41 34.61 16.72
N LYS C 23 5.45 34.76 15.41
CA LYS C 23 6.57 34.27 14.61
C LYS C 23 7.65 35.33 14.48
N GLU C 24 8.90 34.89 14.53
CA GLU C 24 10.03 35.81 14.40
C GLU C 24 11.23 35.15 13.73
N ILE C 25 12.04 35.98 13.09
CA ILE C 25 13.23 35.50 12.41
C ILE C 25 14.10 34.68 13.37
N PHE C 26 14.90 33.77 12.82
CA PHE C 26 15.77 32.93 13.62
C PHE C 26 16.59 33.67 14.67
N GLU C 27 17.47 34.54 14.18
CA GLU C 27 18.36 35.32 15.03
C GLU C 27 17.63 36.05 16.16
N ASP C 28 16.50 36.66 15.84
CA ASP C 28 15.70 37.38 16.83
C ASP C 28 15.02 36.43 17.81
N ALA C 29 14.75 35.22 17.34
CA ALA C 29 14.10 34.20 18.17
C ALA C 29 15.15 33.70 19.15
N LYS C 30 16.40 33.69 18.68
CA LYS C 30 17.54 33.27 19.46
C LYS C 30 17.66 34.23 20.64
N LEU C 31 17.56 35.52 20.35
CA LEU C 31 17.65 36.54 21.38
C LEU C 31 16.52 36.36 22.38
N PHE C 32 15.34 36.03 21.86
CA PHE C 32 14.17 35.83 22.70
C PHE C 32 14.36 34.79 23.81
N CYS C 33 14.85 33.61 23.45
CA CYS C 33 15.08 32.55 24.44
C CYS C 33 16.15 32.96 25.43
N GLU C 34 17.23 33.54 24.93
CA GLU C 34 18.33 33.98 25.79
C GLU C 34 17.74 34.80 26.94
N ASP C 35 16.90 35.78 26.59
CA ASP C 35 16.24 36.65 27.57
C ASP C 35 15.51 35.83 28.63
N LYS C 36 14.94 34.70 28.20
CA LYS C 36 14.19 33.81 29.07
C LYS C 36 15.11 32.84 29.80
N SER C 37 16.39 33.20 29.88
CA SER C 37 17.37 32.34 30.53
C SER C 37 17.20 30.89 30.07
N SER C 38 16.99 30.71 28.77
CA SER C 38 16.84 29.39 28.16
C SER C 38 17.51 29.45 26.80
N HIS C 39 17.12 28.54 25.90
CA HIS C 39 17.71 28.51 24.56
C HIS C 39 16.88 27.65 23.62
N LEU C 40 16.95 27.96 22.33
CA LEU C 40 16.23 27.19 21.32
C LEU C 40 16.33 25.70 21.65
N VAL C 41 15.25 24.98 21.41
CA VAL C 41 15.18 23.56 21.69
C VAL C 41 16.23 22.69 21.01
N PHE C 42 16.97 21.94 21.83
CA PHE C 42 17.99 21.01 21.33
C PHE C 42 17.27 19.66 21.39
N ILE C 43 17.30 18.92 20.30
CA ILE C 43 16.65 17.62 20.28
C ILE C 43 17.68 16.51 20.16
N ASN C 44 17.99 15.88 21.31
CA ASN C 44 18.98 14.80 21.37
C ASN C 44 18.43 13.53 22.01
N THR C 45 17.17 13.21 21.69
CA THR C 45 16.50 12.03 22.22
C THR C 45 15.21 11.74 21.43
N ARG C 46 15.18 10.60 20.75
CA ARG C 46 14.00 10.22 19.96
C ARG C 46 12.71 10.26 20.75
N GLU C 47 12.77 9.96 22.04
CA GLU C 47 11.57 9.99 22.88
C GLU C 47 11.15 11.44 23.05
N GLU C 48 12.12 12.34 23.01
CA GLU C 48 11.88 13.77 23.13
C GLU C 48 11.24 14.33 21.86
N GLN C 49 11.66 13.79 20.73
CA GLN C 49 11.15 14.20 19.43
C GLN C 49 9.68 13.83 19.27
N GLN C 50 9.31 12.69 19.83
CA GLN C 50 7.93 12.22 19.76
C GLN C 50 7.07 13.09 20.66
N TRP C 51 7.60 13.42 21.83
CA TRP C 51 6.89 14.25 22.80
C TRP C 51 6.57 15.63 22.24
N ILE C 52 7.58 16.34 21.75
CA ILE C 52 7.39 17.68 21.19
C ILE C 52 6.29 17.68 20.13
N LYS C 53 6.30 16.68 19.26
CA LYS C 53 5.31 16.56 18.19
C LYS C 53 3.90 16.78 18.72
N LYS C 54 3.46 15.90 19.59
CA LYS C 54 2.12 15.99 20.17
C LYS C 54 1.85 17.36 20.79
N GLN C 55 2.91 18.07 21.16
CA GLN C 55 2.76 19.39 21.77
C GLN C 55 2.45 20.46 20.72
N MET C 56 2.53 20.08 19.45
CA MET C 56 2.24 21.01 18.36
C MET C 56 0.76 21.00 18.01
N VAL C 57 0.14 22.17 18.06
CA VAL C 57 -1.28 22.29 17.75
C VAL C 57 -1.57 22.34 16.26
N GLY C 58 -1.40 23.52 15.66
CA GLY C 58 -1.67 23.68 14.24
C GLY C 58 -0.57 23.20 13.32
N ARG C 59 -0.57 23.71 12.10
CA ARG C 59 0.45 23.34 11.13
C ARG C 59 1.44 24.47 10.91
N GLU C 60 2.19 24.77 11.97
CA GLU C 60 3.22 25.81 11.95
C GLU C 60 4.56 25.16 12.23
N SER C 61 5.62 25.70 11.64
CA SER C 61 6.95 25.17 11.85
C SER C 61 7.83 25.99 12.79
N HIS C 62 8.07 25.45 13.98
CA HIS C 62 8.88 26.11 15.00
C HIS C 62 10.36 25.95 14.68
N TRP C 63 11.15 26.97 14.99
CA TRP C 63 12.59 26.89 14.77
C TRP C 63 13.13 25.98 15.87
N ILE C 64 14.35 25.49 15.70
CA ILE C 64 15.00 24.65 16.70
C ILE C 64 16.47 25.10 16.71
N GLY C 65 17.16 24.87 17.83
CA GLY C 65 18.54 25.31 17.93
C GLY C 65 19.58 24.56 17.12
N LEU C 66 19.38 24.48 15.81
CA LEU C 66 20.32 23.77 14.94
C LEU C 66 20.61 24.50 13.63
N THR C 67 21.89 24.75 13.37
CA THR C 67 22.32 25.45 12.17
C THR C 67 23.64 24.88 11.64
N ASP C 68 24.08 25.38 10.49
CA ASP C 68 25.33 24.94 9.90
C ASP C 68 26.04 26.17 9.39
N SER C 69 25.76 27.29 10.04
CA SER C 69 26.33 28.58 9.68
C SER C 69 27.86 28.71 9.74
N GLU C 70 28.51 27.95 10.62
CA GLU C 70 29.97 28.03 10.72
C GLU C 70 30.62 27.10 9.70
N ARG C 71 29.95 26.00 9.41
CA ARG C 71 30.42 25.01 8.44
C ARG C 71 29.26 24.40 7.66
N GLU C 72 29.15 24.78 6.39
CA GLU C 72 28.10 24.28 5.53
C GLU C 72 28.06 22.74 5.53
N ASN C 73 26.86 22.19 5.66
CA ASN C 73 26.65 20.75 5.68
C ASN C 73 27.11 20.06 6.96
N GLU C 74 27.54 20.85 7.95
CA GLU C 74 27.99 20.30 9.23
C GLU C 74 27.12 20.90 10.35
N TRP C 75 25.94 20.32 10.54
CA TRP C 75 24.99 20.82 11.53
C TRP C 75 25.42 20.70 12.99
N LYS C 76 25.24 21.78 13.74
CA LYS C 76 25.62 21.80 15.14
C LYS C 76 24.61 22.58 15.99
N TRP C 77 24.21 22.00 17.12
CA TRP C 77 23.29 22.65 18.01
C TRP C 77 23.98 23.92 18.50
N LEU C 78 23.22 24.79 19.16
CA LEU C 78 23.77 26.03 19.66
C LEU C 78 24.70 25.75 20.85
N ASP C 79 25.71 24.92 20.64
CA ASP C 79 26.65 24.59 21.71
C ASP C 79 27.71 23.61 21.20
N GLY C 80 28.00 23.71 19.90
CA GLY C 80 28.99 22.84 19.29
C GLY C 80 28.61 21.37 19.20
N THR C 81 27.61 20.95 19.98
CA THR C 81 27.18 19.56 19.98
C THR C 81 26.87 19.03 18.58
N SER C 82 27.24 17.77 18.35
CA SER C 82 26.99 17.11 17.08
C SER C 82 25.71 16.29 17.26
N PRO C 83 24.68 16.59 16.47
CA PRO C 83 23.42 15.86 16.59
C PRO C 83 23.53 14.38 16.24
N ASP C 84 23.94 13.57 17.21
CA ASP C 84 24.07 12.14 17.00
C ASP C 84 22.70 11.60 16.63
N TYR C 85 21.68 12.29 17.10
CA TYR C 85 20.31 11.93 16.79
C TYR C 85 19.85 12.93 15.75
N LYS C 86 19.33 12.42 14.63
CA LYS C 86 18.86 13.26 13.55
C LYS C 86 17.46 12.81 13.18
N ASN C 87 16.71 13.68 12.53
CA ASN C 87 15.36 13.35 12.12
C ASN C 87 14.91 14.28 11.00
N TRP C 88 15.72 14.35 9.95
CA TRP C 88 15.40 15.19 8.81
C TRP C 88 14.30 14.58 7.96
N LYS C 89 13.78 15.37 7.03
CA LYS C 89 12.73 14.92 6.11
C LYS C 89 13.48 14.32 4.92
N ALA C 90 12.75 13.94 3.88
CA ALA C 90 13.37 13.36 2.70
C ALA C 90 14.12 14.43 1.89
N GLY C 91 15.36 14.12 1.54
CA GLY C 91 16.18 15.06 0.77
C GLY C 91 16.58 16.28 1.55
N GLN C 92 16.87 16.10 2.84
CA GLN C 92 17.27 17.20 3.71
C GLN C 92 18.53 16.88 4.50
N PRO C 93 19.38 17.88 4.75
CA PRO C 93 19.25 19.29 4.33
C PRO C 93 19.69 19.51 2.88
N ASP C 94 18.75 19.97 2.05
CA ASP C 94 19.04 20.21 0.65
C ASP C 94 19.78 21.52 0.42
N ASN C 95 19.74 22.42 1.40
CA ASN C 95 20.42 23.71 1.30
C ASN C 95 19.99 24.44 0.04
N TRP C 96 18.68 24.57 -0.13
CA TRP C 96 18.11 25.23 -1.31
C TRP C 96 18.50 26.69 -1.45
N GLY C 97 18.62 27.13 -2.70
CA GLY C 97 18.99 28.50 -2.97
C GLY C 97 20.47 28.80 -2.82
N HIS C 98 21.30 27.75 -2.75
CA HIS C 98 22.74 27.96 -2.60
C HIS C 98 23.36 28.51 -3.89
N GLY C 99 22.54 29.15 -4.71
CA GLY C 99 22.99 29.72 -5.95
C GLY C 99 22.55 31.18 -6.02
N HIS C 100 21.33 31.42 -5.54
CA HIS C 100 20.75 32.76 -5.51
C HIS C 100 20.75 33.39 -4.12
N GLY C 101 21.56 32.84 -3.23
CA GLY C 101 21.60 33.38 -1.88
C GLY C 101 22.54 32.62 -0.96
N PRO C 102 22.56 32.98 0.33
CA PRO C 102 23.41 32.34 1.34
C PRO C 102 22.91 30.95 1.68
N GLY C 103 21.78 30.58 1.09
CA GLY C 103 21.21 29.27 1.32
C GLY C 103 20.33 29.15 2.55
N GLU C 104 20.22 27.93 3.07
CA GLU C 104 19.41 27.64 4.24
C GLU C 104 20.30 27.07 5.34
N ASP C 105 20.54 27.85 6.38
CA ASP C 105 21.40 27.40 7.48
C ASP C 105 20.75 27.43 8.87
N CYS C 106 19.43 27.23 8.91
CA CYS C 106 18.71 27.25 10.17
C CYS C 106 17.55 26.26 10.14
N ALA C 107 17.76 25.09 10.76
CA ALA C 107 16.75 24.05 10.79
C ALA C 107 15.48 24.48 11.51
N GLY C 108 14.42 23.72 11.28
CA GLY C 108 13.15 24.01 11.92
C GLY C 108 12.25 22.81 11.80
N LEU C 109 11.50 22.52 12.86
CA LEU C 109 10.60 21.39 12.87
C LEU C 109 9.33 21.71 12.09
N ILE C 110 9.10 20.98 11.00
CA ILE C 110 7.89 21.18 10.21
C ILE C 110 6.82 20.28 10.83
N TYR C 111 5.56 20.71 10.77
CA TYR C 111 4.51 19.91 11.36
C TYR C 111 4.32 18.60 10.60
N ALA C 112 4.83 17.53 11.19
CA ALA C 112 4.77 16.19 10.65
C ALA C 112 5.91 15.39 11.28
N GLY C 113 6.80 16.09 11.99
CA GLY C 113 7.93 15.44 12.64
C GLY C 113 9.30 15.86 12.14
N GLN C 114 9.78 15.19 11.10
CA GLN C 114 11.10 15.45 10.51
C GLN C 114 11.45 16.93 10.37
N TRP C 115 12.76 17.22 10.47
CA TRP C 115 13.24 18.58 10.37
C TRP C 115 13.56 18.98 8.93
N ASN C 116 13.91 20.24 8.75
CA ASN C 116 14.25 20.79 7.45
C ASN C 116 15.02 22.08 7.67
N ASP C 117 15.84 22.45 6.69
CA ASP C 117 16.61 23.69 6.81
C ASP C 117 15.86 24.80 6.09
N PHE C 118 15.93 26.01 6.65
CA PHE C 118 15.27 27.17 6.08
C PHE C 118 16.27 28.31 5.93
N GLN C 119 15.84 29.37 5.25
CA GLN C 119 16.68 30.54 5.07
C GLN C 119 16.55 31.32 6.37
N CYS C 120 17.65 31.43 7.13
CA CYS C 120 17.60 32.17 8.38
C CYS C 120 17.11 33.58 8.02
N GLU C 121 16.18 34.09 8.81
CA GLU C 121 15.57 35.41 8.60
C GLU C 121 14.24 35.25 7.88
N ASP C 122 13.50 34.22 8.26
CA ASP C 122 12.20 33.94 7.67
C ASP C 122 11.17 33.67 8.76
N VAL C 123 10.54 34.75 9.23
CA VAL C 123 9.52 34.68 10.27
C VAL C 123 8.94 33.28 10.43
N ASN C 124 9.01 32.77 11.66
CA ASN C 124 8.49 31.44 11.99
C ASN C 124 8.39 31.26 13.49
N ASN C 125 7.36 30.55 13.94
CA ASN C 125 7.18 30.28 15.36
C ASN C 125 8.43 29.58 15.85
N PHE C 126 8.73 29.71 17.14
CA PHE C 126 9.92 29.08 17.70
C PHE C 126 9.65 28.30 18.99
N ILE C 127 10.71 27.67 19.53
CA ILE C 127 10.61 26.89 20.77
C ILE C 127 11.84 27.15 21.64
N CYS C 128 11.61 27.45 22.91
CA CYS C 128 12.71 27.71 23.84
C CYS C 128 12.77 26.57 24.86
N GLU C 129 13.97 26.23 25.30
CA GLU C 129 14.15 25.16 26.27
C GLU C 129 15.20 25.53 27.30
N LYS C 130 15.06 24.98 28.51
CA LYS C 130 15.99 25.23 29.59
C LYS C 130 15.88 24.14 30.67
N ASP C 131 17.02 23.70 31.17
CA ASP C 131 17.06 22.67 32.20
C ASP C 131 16.67 23.29 33.54
N ARG C 132 15.50 22.91 34.04
CA ARG C 132 15.02 23.44 35.31
C ARG C 132 15.80 22.84 36.48
N SER D 4 -12.68 -58.18 13.40
CA SER D 4 -13.33 -56.89 13.05
C SER D 4 -12.31 -55.76 13.20
N CYS D 5 -12.79 -54.54 13.39
CA CYS D 5 -11.92 -53.39 13.55
C CYS D 5 -12.33 -52.48 14.71
N PRO D 6 -11.38 -51.70 15.25
CA PRO D 6 -11.64 -50.78 16.36
C PRO D 6 -12.81 -49.86 16.02
N PRO D 7 -13.62 -49.50 17.03
CA PRO D 7 -14.77 -48.61 16.76
C PRO D 7 -14.35 -47.31 16.08
N HIS D 8 -15.13 -46.90 15.09
CA HIS D 8 -14.88 -45.70 14.30
C HIS D 8 -13.81 -45.97 13.26
N TRP D 9 -13.55 -47.25 13.02
CA TRP D 9 -12.58 -47.67 12.02
C TRP D 9 -13.31 -48.58 11.04
N LYS D 10 -13.13 -48.28 9.76
CA LYS D 10 -13.78 -49.06 8.71
C LYS D 10 -12.89 -50.23 8.31
N ASN D 11 -13.44 -51.19 7.58
CA ASN D 11 -12.68 -52.35 7.18
C ASN D 11 -12.76 -52.69 5.69
N PHE D 12 -11.60 -52.86 5.09
CA PHE D 12 -11.50 -53.21 3.68
C PHE D 12 -10.38 -54.24 3.60
N THR D 13 -10.79 -55.50 3.49
CA THR D 13 -9.87 -56.63 3.43
C THR D 13 -9.37 -56.94 4.84
N ASP D 14 -8.06 -56.99 5.03
CA ASP D 14 -7.49 -57.27 6.35
C ASP D 14 -6.82 -56.06 6.96
N LYS D 15 -7.35 -54.87 6.65
CA LYS D 15 -6.78 -53.65 7.19
C LYS D 15 -7.89 -52.74 7.75
N CYS D 16 -7.54 -51.95 8.76
CA CYS D 16 -8.50 -51.03 9.36
C CYS D 16 -8.04 -49.60 9.08
N TYR D 17 -8.99 -48.74 8.71
CA TYR D 17 -8.67 -47.35 8.41
C TYR D 17 -9.36 -46.40 9.38
N TYR D 18 -9.02 -45.12 9.28
CA TYR D 18 -9.61 -44.10 10.14
C TYR D 18 -9.65 -42.75 9.44
N PHE D 19 -10.84 -42.33 9.04
CA PHE D 19 -10.99 -41.04 8.39
C PHE D 19 -11.14 -40.00 9.49
N SER D 20 -10.00 -39.45 9.90
CA SER D 20 -9.97 -38.46 10.98
C SER D 20 -11.00 -37.36 10.79
N VAL D 21 -11.63 -36.97 11.88
CA VAL D 21 -12.63 -35.92 11.85
C VAL D 21 -11.93 -34.59 12.14
N GLU D 22 -10.63 -34.67 12.43
CA GLU D 22 -9.82 -33.49 12.72
C GLU D 22 -8.80 -33.17 11.63
N LYS D 23 -8.55 -31.88 11.44
CA LYS D 23 -7.59 -31.41 10.43
C LYS D 23 -6.26 -31.05 11.08
N GLU D 24 -5.16 -31.47 10.47
CA GLU D 24 -3.83 -31.17 10.98
C GLU D 24 -2.72 -31.47 9.98
N ILE D 25 -1.66 -30.66 10.04
CA ILE D 25 -0.50 -30.78 9.16
C ILE D 25 -0.09 -32.22 8.88
N PHE D 26 0.75 -32.41 7.86
CA PHE D 26 1.21 -33.76 7.50
C PHE D 26 1.96 -34.48 8.61
N GLU D 27 3.13 -33.95 8.94
CA GLU D 27 3.98 -34.53 9.98
C GLU D 27 3.20 -34.74 11.27
N ASP D 28 2.51 -33.70 11.72
CA ASP D 28 1.73 -33.79 12.95
C ASP D 28 0.61 -34.83 12.83
N ALA D 29 0.20 -35.12 11.60
CA ALA D 29 -0.83 -36.12 11.36
C ALA D 29 -0.13 -37.47 11.27
N LYS D 30 1.09 -37.44 10.76
CA LYS D 30 1.91 -38.63 10.63
C LYS D 30 2.16 -39.21 12.03
N LEU D 31 2.16 -38.33 13.02
CA LEU D 31 2.38 -38.75 14.41
C LEU D 31 1.09 -39.26 15.04
N PHE D 32 -0.05 -38.83 14.52
CA PHE D 32 -1.32 -39.30 15.05
C PHE D 32 -1.51 -40.78 14.75
N CYS D 33 -1.16 -41.18 13.53
CA CYS D 33 -1.28 -42.58 13.15
C CYS D 33 -0.32 -43.42 14.00
N GLU D 34 0.94 -43.01 14.04
CA GLU D 34 1.96 -43.72 14.81
C GLU D 34 1.45 -44.09 16.21
N ASP D 35 1.00 -43.09 16.96
CA ASP D 35 0.48 -43.32 18.31
C ASP D 35 -0.59 -44.39 18.29
N LYS D 36 -1.29 -44.51 17.17
CA LYS D 36 -2.36 -45.49 17.02
C LYS D 36 -1.78 -46.69 16.30
N SER D 37 -0.54 -47.03 16.64
CA SER D 37 0.16 -48.15 16.04
C SER D 37 -0.20 -48.27 14.56
N SER D 38 -0.10 -47.17 13.83
CA SER D 38 -0.42 -47.17 12.41
C SER D 38 0.38 -46.15 11.61
N HIS D 39 -0.06 -45.91 10.38
CA HIS D 39 0.60 -44.98 9.48
C HIS D 39 -0.41 -44.46 8.48
N LEU D 40 -0.13 -43.31 7.88
CA LEU D 40 -1.02 -42.73 6.89
C LEU D 40 -1.32 -43.80 5.85
N VAL D 41 -2.57 -43.84 5.40
CA VAL D 41 -3.04 -44.81 4.44
C VAL D 41 -2.25 -44.94 3.14
N PHE D 42 -1.76 -46.15 2.87
CA PHE D 42 -1.04 -46.42 1.63
C PHE D 42 -2.13 -46.90 0.66
N ILE D 43 -2.02 -46.54 -0.62
CA ILE D 43 -3.00 -46.95 -1.61
C ILE D 43 -2.32 -47.59 -2.81
N ASN D 44 -2.20 -48.92 -2.80
CA ASN D 44 -1.55 -49.66 -3.87
C ASN D 44 -2.46 -50.67 -4.57
N THR D 45 -3.73 -50.31 -4.70
CA THR D 45 -4.72 -51.19 -5.33
C THR D 45 -5.93 -50.41 -5.83
N ARG D 46 -6.23 -50.54 -7.12
CA ARG D 46 -7.37 -49.83 -7.72
C ARG D 46 -8.65 -50.03 -6.91
N GLU D 47 -8.89 -51.26 -6.47
CA GLU D 47 -10.07 -51.57 -5.69
C GLU D 47 -10.08 -50.68 -4.45
N GLU D 48 -8.95 -50.67 -3.73
CA GLU D 48 -8.79 -49.88 -2.52
C GLU D 48 -9.04 -48.39 -2.75
N GLN D 49 -8.58 -47.89 -3.89
CA GLN D 49 -8.76 -46.49 -4.25
C GLN D 49 -10.25 -46.19 -4.37
N GLN D 50 -10.97 -47.10 -5.00
CA GLN D 50 -12.40 -46.95 -5.21
C GLN D 50 -13.18 -46.88 -3.90
N TRP D 51 -13.00 -47.88 -3.04
CA TRP D 51 -13.68 -47.96 -1.75
C TRP D 51 -13.49 -46.73 -0.88
N ILE D 52 -12.23 -46.38 -0.61
CA ILE D 52 -11.92 -45.21 0.21
C ILE D 52 -12.73 -44.01 -0.23
N LYS D 53 -12.74 -43.73 -1.53
CA LYS D 53 -13.50 -42.61 -2.06
C LYS D 53 -14.95 -42.74 -1.65
N LYS D 54 -15.42 -43.99 -1.62
CA LYS D 54 -16.80 -44.28 -1.24
C LYS D 54 -16.97 -44.19 0.27
N GLN D 55 -16.08 -43.44 0.92
CA GLN D 55 -16.15 -43.24 2.37
C GLN D 55 -16.14 -41.76 2.68
N MET D 56 -15.60 -40.97 1.76
CA MET D 56 -15.51 -39.53 1.92
C MET D 56 -16.83 -38.87 1.51
N VAL D 57 -17.69 -38.61 2.47
CA VAL D 57 -18.98 -37.99 2.17
C VAL D 57 -18.83 -36.48 2.03
N GLY D 58 -17.77 -35.94 2.63
CA GLY D 58 -17.52 -34.51 2.56
C GLY D 58 -16.60 -34.11 1.43
N ARG D 59 -16.48 -32.79 1.22
CA ARG D 59 -15.64 -32.25 0.16
C ARG D 59 -14.28 -31.84 0.74
N GLU D 60 -13.72 -32.72 1.56
CA GLU D 60 -12.43 -32.46 2.19
C GLU D 60 -11.34 -33.33 1.59
N SER D 61 -10.08 -32.95 1.82
CA SER D 61 -8.94 -33.69 1.30
C SER D 61 -8.01 -34.21 2.40
N HIS D 62 -7.92 -35.54 2.52
CA HIS D 62 -7.08 -36.16 3.53
C HIS D 62 -5.67 -36.43 3.03
N TRP D 63 -4.70 -36.38 3.92
CA TRP D 63 -3.31 -36.66 3.53
C TRP D 63 -3.25 -38.16 3.24
N ILE D 64 -2.11 -38.61 2.71
CA ILE D 64 -1.89 -40.01 2.42
C ILE D 64 -0.39 -40.28 2.50
N GLY D 65 -0.03 -41.42 3.05
CA GLY D 65 1.38 -41.77 3.21
C GLY D 65 2.25 -41.77 1.97
N LEU D 66 2.32 -40.63 1.28
CA LEU D 66 3.14 -40.53 0.08
C LEU D 66 3.78 -39.15 -0.01
N THR D 67 5.10 -39.12 -0.14
CA THR D 67 5.83 -37.86 -0.21
C THR D 67 7.06 -37.98 -1.10
N ASP D 68 7.68 -36.84 -1.39
CA ASP D 68 8.89 -36.79 -2.19
C ASP D 68 9.80 -35.80 -1.48
N SER D 69 9.81 -35.90 -0.16
CA SER D 69 10.59 -35.02 0.69
C SER D 69 12.07 -35.38 0.84
N GLU D 70 12.48 -36.49 0.26
CA GLU D 70 13.88 -36.91 0.36
C GLU D 70 14.62 -36.58 -0.94
N ARG D 71 13.87 -36.53 -2.03
CA ARG D 71 14.40 -36.22 -3.36
C ARG D 71 13.22 -35.74 -4.20
N GLU D 72 13.16 -34.44 -4.45
CA GLU D 72 12.08 -33.86 -5.22
C GLU D 72 11.72 -34.70 -6.44
N ASN D 73 10.42 -34.90 -6.65
CA ASN D 73 9.90 -35.70 -7.77
C ASN D 73 10.04 -37.21 -7.55
N GLU D 74 10.50 -37.60 -6.36
CA GLU D 74 10.66 -39.00 -5.99
C GLU D 74 9.56 -39.36 -4.99
N TRP D 75 8.42 -39.84 -5.48
CA TRP D 75 7.31 -40.18 -4.61
C TRP D 75 7.36 -41.59 -4.03
N LYS D 76 7.62 -41.66 -2.73
CA LYS D 76 7.70 -42.93 -2.02
C LYS D 76 6.69 -43.00 -0.88
N TRP D 77 5.97 -44.11 -0.79
CA TRP D 77 5.03 -44.28 0.29
C TRP D 77 5.86 -44.24 1.56
N LEU D 78 5.23 -43.98 2.70
CA LEU D 78 5.94 -43.92 3.97
C LEU D 78 6.51 -45.28 4.36
N ASP D 79 7.52 -45.75 3.64
CA ASP D 79 8.14 -47.04 3.93
C ASP D 79 9.19 -47.37 2.88
N GLY D 80 9.45 -46.43 1.98
CA GLY D 80 10.43 -46.64 0.93
C GLY D 80 9.78 -46.94 -0.41
N THR D 81 8.89 -47.92 -0.41
CA THR D 81 8.17 -48.37 -1.61
C THR D 81 7.80 -47.25 -2.59
N SER D 82 7.59 -47.63 -3.84
CA SER D 82 7.19 -46.69 -4.90
C SER D 82 5.77 -47.09 -5.31
N PRO D 83 4.87 -46.11 -5.45
CA PRO D 83 3.48 -46.37 -5.85
C PRO D 83 3.30 -47.00 -7.21
N ASP D 84 3.41 -48.32 -7.29
CA ASP D 84 3.24 -49.01 -8.56
C ASP D 84 1.90 -48.55 -9.12
N TYR D 85 0.90 -48.46 -8.26
CA TYR D 85 -0.42 -47.98 -8.66
C TYR D 85 -0.39 -46.47 -8.48
N LYS D 86 -0.94 -45.74 -9.45
CA LYS D 86 -0.93 -44.29 -9.39
C LYS D 86 -2.24 -43.68 -9.83
N ASN D 87 -2.75 -42.74 -9.04
CA ASN D 87 -4.01 -42.08 -9.36
C ASN D 87 -3.87 -40.56 -9.20
N TRP D 88 -2.89 -39.99 -9.88
CA TRP D 88 -2.66 -38.55 -9.83
C TRP D 88 -3.58 -37.78 -10.76
N LYS D 89 -4.06 -36.63 -10.29
CA LYS D 89 -4.92 -35.78 -11.10
C LYS D 89 -4.08 -35.25 -12.25
N ALA D 90 -4.73 -34.82 -13.33
CA ALA D 90 -4.00 -34.29 -14.48
C ALA D 90 -3.16 -33.08 -14.07
N GLY D 91 -2.04 -32.89 -14.74
CA GLY D 91 -1.17 -31.77 -14.43
C GLY D 91 -0.59 -31.82 -13.03
N GLN D 92 -0.78 -32.95 -12.35
CA GLN D 92 -0.27 -33.13 -10.99
C GLN D 92 0.58 -34.41 -10.93
N PRO D 93 1.61 -34.43 -10.08
CA PRO D 93 2.08 -33.39 -9.15
C PRO D 93 2.84 -32.26 -9.84
N ASP D 94 2.36 -31.04 -9.66
CA ASP D 94 2.96 -29.86 -10.26
C ASP D 94 4.17 -29.33 -9.51
N ASN D 95 4.24 -29.62 -8.20
CA ASN D 95 5.34 -29.14 -7.37
C ASN D 95 5.26 -27.62 -7.32
N TRP D 96 4.03 -27.12 -7.17
CA TRP D 96 3.79 -25.68 -7.13
C TRP D 96 4.55 -24.97 -6.01
N GLY D 97 5.09 -23.80 -6.35
CA GLY D 97 5.82 -23.02 -5.38
C GLY D 97 7.29 -23.36 -5.22
N HIS D 98 7.86 -24.04 -6.20
CA HIS D 98 9.28 -24.39 -6.13
C HIS D 98 10.14 -23.21 -6.56
N GLY D 99 9.67 -22.02 -6.22
CA GLY D 99 10.39 -20.79 -6.56
C GLY D 99 10.43 -19.88 -5.35
N HIS D 100 9.25 -19.50 -4.85
CA HIS D 100 9.15 -18.63 -3.68
C HIS D 100 9.19 -19.43 -2.39
N GLY D 101 9.21 -20.75 -2.50
CA GLY D 101 9.22 -21.59 -1.32
C GLY D 101 9.79 -22.98 -1.52
N PRO D 102 9.63 -23.88 -0.53
CA PRO D 102 10.12 -25.26 -0.55
C PRO D 102 9.31 -26.20 -1.43
N GLY D 103 8.18 -25.73 -1.93
CA GLY D 103 7.36 -26.56 -2.80
C GLY D 103 6.35 -27.46 -2.11
N GLU D 104 5.90 -28.48 -2.83
CA GLU D 104 4.92 -29.43 -2.31
C GLU D 104 5.51 -30.83 -2.29
N ASP D 105 5.56 -31.45 -1.12
CA ASP D 105 6.11 -32.80 -1.00
C ASP D 105 5.24 -33.73 -0.15
N CYS D 106 4.04 -33.29 0.20
CA CYS D 106 3.13 -34.09 1.01
C CYS D 106 1.84 -34.38 0.25
N ALA D 107 1.78 -35.56 -0.36
CA ALA D 107 0.62 -35.98 -1.15
C ALA D 107 -0.69 -35.98 -0.39
N GLY D 108 -1.76 -35.66 -1.10
CA GLY D 108 -3.07 -35.62 -0.49
C GLY D 108 -4.15 -36.17 -1.41
N LEU D 109 -5.33 -36.38 -0.87
CA LEU D 109 -6.44 -36.92 -1.64
C LEU D 109 -7.64 -35.96 -1.56
N ILE D 110 -8.06 -35.43 -2.71
CA ILE D 110 -9.17 -34.51 -2.77
C ILE D 110 -10.46 -35.19 -3.25
N TYR D 111 -11.59 -34.51 -3.10
CA TYR D 111 -12.88 -35.06 -3.53
C TYR D 111 -13.03 -35.06 -5.05
N ALA D 112 -12.84 -36.25 -5.62
CA ALA D 112 -12.92 -36.49 -7.05
C ALA D 112 -12.12 -37.75 -7.31
N GLY D 113 -11.33 -38.13 -6.30
CA GLY D 113 -10.51 -39.33 -6.40
C GLY D 113 -9.02 -39.05 -6.41
N GLN D 114 -8.49 -38.73 -7.58
CA GLN D 114 -7.07 -38.46 -7.76
C GLN D 114 -6.34 -37.80 -6.59
N TRP D 115 -5.04 -38.08 -6.50
CA TRP D 115 -4.21 -37.51 -5.45
C TRP D 115 -3.59 -36.21 -5.96
N ASN D 116 -3.06 -35.42 -5.03
CA ASN D 116 -2.42 -34.17 -5.39
C ASN D 116 -1.29 -33.88 -4.42
N ASP D 117 -0.24 -33.24 -4.92
CA ASP D 117 0.88 -32.91 -4.05
C ASP D 117 0.58 -31.57 -3.39
N PHE D 118 0.60 -31.55 -2.07
CA PHE D 118 0.34 -30.34 -1.29
C PHE D 118 1.60 -29.84 -0.63
N GLN D 119 1.54 -28.59 -0.18
CA GLN D 119 2.65 -28.01 0.56
C GLN D 119 2.35 -28.51 1.96
N CYS D 120 3.34 -29.07 2.64
CA CYS D 120 3.10 -29.56 3.98
C CYS D 120 2.85 -28.31 4.84
N GLU D 121 2.94 -28.42 6.16
CA GLU D 121 2.68 -27.24 7.00
C GLU D 121 1.22 -26.82 6.93
N ASP D 122 0.53 -27.25 5.87
CA ASP D 122 -0.88 -26.94 5.69
C ASP D 122 -1.74 -27.84 6.58
N VAL D 123 -2.97 -27.42 6.84
CA VAL D 123 -3.89 -28.17 7.68
C VAL D 123 -4.94 -28.90 6.84
N ASN D 124 -5.06 -30.21 7.04
CA ASN D 124 -6.03 -31.02 6.31
C ASN D 124 -6.31 -32.34 7.03
N ASN D 125 -7.51 -32.88 6.82
CA ASN D 125 -7.90 -34.15 7.41
C ASN D 125 -6.92 -35.21 6.94
N PHE D 126 -7.05 -36.43 7.47
CA PHE D 126 -6.16 -37.51 7.06
C PHE D 126 -6.75 -38.90 7.31
N ILE D 127 -6.03 -39.94 6.91
CA ILE D 127 -6.48 -41.32 7.07
C ILE D 127 -5.34 -42.24 7.43
N CYS D 128 -5.52 -43.01 8.50
CA CYS D 128 -4.51 -43.96 8.94
C CYS D 128 -4.94 -45.35 8.48
N GLU D 129 -4.00 -46.28 8.45
CA GLU D 129 -4.28 -47.65 8.02
C GLU D 129 -3.44 -48.60 8.87
N LYS D 130 -3.88 -49.85 8.94
CA LYS D 130 -3.16 -50.88 9.69
C LYS D 130 -3.78 -52.26 9.42
N ASP D 131 -2.93 -53.20 9.02
CA ASP D 131 -3.37 -54.56 8.73
C ASP D 131 -3.81 -55.20 10.04
N ARG D 132 -4.95 -55.90 10.01
CA ARG D 132 -5.46 -56.56 11.20
C ARG D 132 -5.03 -58.02 11.27
ZN ZN E . 20.46 38.42 -14.52
ZN ZN F . -1.80 32.70 -18.25
ZN ZN G . -3.47 39.82 -22.99
ZN ZN H . -10.39 22.02 -1.27
ZN ZN I . 11.12 25.39 -11.98
CL CL J . 20.26 37.95 -16.49
CL CL K . 22.20 37.86 -13.13
CL CL L . -3.76 33.14 -18.83
ZN ZN M . 11.26 -8.83 -3.67
ZN ZN N . -10.93 -2.96 -7.80
ZN ZN O . -9.87 5.19 -3.91
ZN ZN P . -24.21 -19.85 -6.23
ZN ZN Q . -1.20 -15.00 -11.94
CL CL R . 11.33 -7.34 -5.37
CL CL S . 12.47 -10.81 -3.98
CL CL T . -12.38 -1.72 -7.30
ZN ZN U . -2.64 31.22 31.07
ZN ZN V . 15.89 18.94 24.32
CL CL W . -3.08 28.69 32.32
CL CL X . -3.04 33.03 30.23
CL CL Y . 17.78 18.40 24.76
CA CA Z . 22.65 24.83 4.66
CA CA AA . 15.58 22.87 3.04
CA CA BA . 26.05 29.30 4.86
ZN ZN CA . 25.23 23.80 -6.03
ZN ZN DA . -19.47 -44.24 17.84
ZN ZN EA . -3.62 -49.41 1.92
CL CL FA . -20.35 -46.60 16.43
CL CL GA . -20.40 -42.68 18.49
CL CL HA . -2.30 -50.86 1.15
CA CA IA . 7.14 -32.05 -5.08
CA CA JA . 0.25 -29.30 -6.71
CA CA KA . 11.36 -30.72 -1.27
ZN ZN LA . 10.82 -24.35 -12.10
#